data_4RX5
#
_entry.id   4RX5
#
_cell.length_a   108.300
_cell.length_b   108.300
_cell.length_c   42.422
_cell.angle_alpha   90.00
_cell.angle_beta   90.00
_cell.angle_gamma   120.00
#
_symmetry.space_group_name_H-M   'P 61'
#
loop_
_entity.id
_entity.type
_entity.pdbx_description
1 polymer 'Tyrosine-protein kinase BTK'
2 non-polymer 'SULFATE ION'
3 non-polymer GLYCEROL
4 non-polymer 2-(2-METHOXYETHOXY)ETHANOL
5 non-polymer N-(6-fluoro-2-methyl-3-{5-[(5-methyl-4,5,6,7-tetrahydropyrazolo[1,5-a]pyrazin-2-yl)amino]-6-oxo-1,6-dihydropyridazin-3-yl}phenyl)-1-benzothiophene-2-carboxamide
6 water water
#
_entity_poly.entity_id   1
_entity_poly.type   'polypeptide(L)'
_entity_poly.pdbx_seq_one_letter_code
;MGSWEIDPKDLTFLKELGTGQFGVVKYGKWRGQYDVAIKMIKEGSMSEDEFIEEAKVMMNLSHEKLVQLYGVCTKQRPIF
IITEYMANGCLLNYLREMRHRFQTQQLLEMCKDVCEAMEYLESKQFLHRDLAARNCLVNDQGVVKVSDFGLSRYVLDDEY
TSSVGSKFPVRWSPPEVLMYSKFSSKSDIWAFGVLMWEIYSLGKMPYERFTNSETAEHIAQGLRLYRPHLASEKVYTIMY
SCWHEKADERPTFKILLSNILDVMDENLYFQ
;
_entity_poly.pdbx_strand_id   A
#
loop_
_chem_comp.id
_chem_comp.type
_chem_comp.name
_chem_comp.formula
3YO non-polymer N-(6-fluoro-2-methyl-3-{5-[(5-methyl-4,5,6,7-tetrahydropyrazolo[1,5-a]pyrazin-2-yl)amino]-6-oxo-1,6-dihydropyridazin-3-yl}phenyl)-1-benzothiophene-2-carboxamide 'C27 H24 F N7 O2 S'
GOL non-polymer GLYCEROL 'C3 H8 O3'
PG0 non-polymer 2-(2-METHOXYETHOXY)ETHANOL 'C5 H12 O3'
SO4 non-polymer 'SULFATE ION' 'O4 S -2'
#
# COMPACT_ATOMS: atom_id res chain seq x y z
N SER A 3 19.35 -11.87 -5.57
CA SER A 3 18.10 -12.13 -4.86
C SER A 3 18.15 -13.46 -4.09
N TRP A 4 17.54 -13.49 -2.92
CA TRP A 4 17.47 -14.73 -2.15
C TRP A 4 16.53 -15.71 -2.83
N GLU A 5 17.12 -16.76 -3.38
CA GLU A 5 16.38 -17.84 -3.98
C GLU A 5 16.09 -18.88 -2.90
N ILE A 6 14.86 -18.87 -2.42
CA ILE A 6 14.43 -19.74 -1.35
C ILE A 6 14.17 -21.15 -1.91
N ASP A 7 14.57 -22.17 -1.16
CA ASP A 7 14.32 -23.53 -1.58
C ASP A 7 12.87 -23.88 -1.28
N PRO A 8 12.06 -24.18 -2.30
CA PRO A 8 10.65 -24.45 -2.05
C PRO A 8 10.42 -25.67 -1.16
N LYS A 9 11.40 -26.58 -1.09
CA LYS A 9 11.29 -27.71 -0.19
C LYS A 9 11.19 -27.26 1.28
N ASP A 10 11.68 -26.05 1.55
CA ASP A 10 11.65 -25.50 2.91
C ASP A 10 10.32 -24.83 3.28
N LEU A 11 9.36 -24.83 2.35
CA LEU A 11 8.07 -24.20 2.58
C LEU A 11 7.01 -25.23 2.83
N THR A 12 6.21 -25.00 3.85
CA THR A 12 5.05 -25.84 4.12
C THR A 12 3.81 -24.97 4.08
N PHE A 13 2.90 -25.28 3.17
CA PHE A 13 1.65 -24.55 3.06
C PHE A 13 0.68 -24.96 4.17
N LEU A 14 0.00 -23.99 4.77
CA LEU A 14 -0.92 -24.27 5.87
C LEU A 14 -2.35 -23.77 5.66
N LYS A 15 -2.52 -22.58 5.11
CA LYS A 15 -3.87 -22.01 4.96
C LYS A 15 -3.96 -21.17 3.71
N GLU A 16 -5.16 -21.08 3.15
CA GLU A 16 -5.41 -20.18 2.04
C GLU A 16 -5.62 -18.78 2.60
N LEU A 17 -5.02 -17.77 1.98
CA LEU A 17 -5.21 -16.38 2.38
C LEU A 17 -6.02 -15.55 1.38
N GLY A 18 -6.55 -16.21 0.36
CA GLY A 18 -7.33 -15.50 -0.64
C GLY A 18 -6.57 -15.27 -1.92
N THR A 19 -7.12 -14.41 -2.77
CA THR A 19 -6.58 -14.19 -4.10
C THR A 19 -6.39 -12.70 -4.36
N GLY A 20 -5.34 -12.38 -5.10
CA GLY A 20 -5.04 -11.01 -5.45
C GLY A 20 -4.71 -10.92 -6.92
N GLN A 21 -4.06 -9.82 -7.28
CA GLN A 21 -3.76 -9.51 -8.67
C GLN A 21 -2.91 -10.59 -9.35
N PHE A 22 -2.10 -11.31 -8.57
CA PHE A 22 -1.25 -12.36 -9.12
C PHE A 22 -1.77 -13.76 -8.81
N GLY A 23 -2.99 -13.86 -8.29
CA GLY A 23 -3.58 -15.16 -8.01
C GLY A 23 -3.61 -15.53 -6.54
N VAL A 24 -3.38 -16.81 -6.25
CA VAL A 24 -3.56 -17.29 -4.89
CA VAL A 24 -3.53 -17.33 -4.89
C VAL A 24 -2.38 -16.94 -3.98
N VAL A 25 -2.72 -16.64 -2.73
CA VAL A 25 -1.73 -16.38 -1.70
C VAL A 25 -2.02 -17.33 -0.53
N LYS A 26 -0.96 -17.92 0.01
CA LYS A 26 -1.12 -18.87 1.12
C LYS A 26 -0.29 -18.46 2.34
N TYR A 27 -0.76 -18.88 3.51
CA TYR A 27 0.01 -18.81 4.74
C TYR A 27 0.77 -20.12 4.88
N GLY A 28 2.03 -20.05 5.28
CA GLY A 28 2.83 -21.25 5.49
C GLY A 28 3.96 -21.00 6.46
N LYS A 29 4.83 -22.00 6.59
CA LYS A 29 6.05 -21.83 7.39
C LYS A 29 7.28 -22.09 6.56
N TRP A 30 8.36 -21.39 6.91
CA TRP A 30 9.67 -21.65 6.33
C TRP A 30 10.50 -22.38 7.37
N ARG A 31 11.06 -23.52 6.94
CA ARG A 31 11.85 -24.41 7.79
C ARG A 31 11.14 -24.76 9.11
N GLY A 32 9.83 -24.98 9.00
CA GLY A 32 9.01 -25.47 10.10
C GLY A 32 8.86 -24.53 11.28
N GLN A 33 9.33 -23.29 11.14
CA GLN A 33 9.31 -22.38 12.27
C GLN A 33 8.69 -21.02 11.97
N TYR A 34 9.10 -20.40 10.87
CA TYR A 34 8.76 -19.00 10.64
C TYR A 34 7.51 -18.85 9.79
N ASP A 35 6.56 -18.07 10.29
CA ASP A 35 5.36 -17.74 9.52
C ASP A 35 5.73 -16.92 8.29
N VAL A 36 5.20 -17.30 7.13
CA VAL A 36 5.38 -16.54 5.90
C VAL A 36 4.09 -16.51 5.11
N ALA A 37 3.97 -15.51 4.24
CA ALA A 37 2.96 -15.54 3.21
C ALA A 37 3.65 -15.87 1.90
N ILE A 38 2.94 -16.61 1.05
CA ILE A 38 3.51 -17.07 -0.21
C ILE A 38 2.56 -16.73 -1.35
N LYS A 39 2.99 -15.86 -2.24
CA LYS A 39 2.21 -15.61 -3.45
C LYS A 39 2.61 -16.65 -4.47
N MET A 40 1.62 -17.36 -5.01
CA MET A 40 1.83 -18.27 -6.13
C MET A 40 1.43 -17.51 -7.38
N ILE A 41 2.42 -17.13 -8.19
CA ILE A 41 2.17 -16.22 -9.31
C ILE A 41 1.49 -16.95 -10.47
N LYS A 42 0.21 -16.64 -10.69
CA LYS A 42 -0.55 -17.26 -11.78
C LYS A 42 0.08 -16.97 -13.13
N GLU A 43 0.21 -18.01 -13.95
CA GLU A 43 0.76 -17.86 -15.28
C GLU A 43 -0.01 -16.80 -16.07
N GLY A 44 0.73 -15.87 -16.66
CA GLY A 44 0.14 -14.81 -17.45
C GLY A 44 -0.22 -13.55 -16.67
N SER A 45 -0.12 -13.60 -15.34
CA SER A 45 -0.54 -12.47 -14.52
C SER A 45 0.59 -11.46 -14.28
N MET A 46 1.82 -11.88 -14.51
CA MET A 46 2.99 -11.07 -14.20
CA MET A 46 2.98 -11.07 -14.19
C MET A 46 4.01 -11.04 -15.33
N SER A 47 4.68 -9.91 -15.49
CA SER A 47 5.79 -9.82 -16.43
C SER A 47 6.98 -10.45 -15.71
N GLU A 48 7.16 -11.76 -15.91
CA GLU A 48 8.04 -12.55 -15.06
C GLU A 48 9.53 -12.29 -15.24
N ASP A 49 9.98 -12.21 -16.49
CA ASP A 49 11.40 -11.97 -16.73
C ASP A 49 11.79 -10.59 -16.20
N GLU A 50 10.89 -9.63 -16.38
CA GLU A 50 11.11 -8.27 -15.91
C GLU A 50 11.20 -8.27 -14.39
N PHE A 51 10.27 -8.95 -13.74
CA PHE A 51 10.31 -9.07 -12.28
C PHE A 51 11.60 -9.74 -11.79
N ILE A 52 11.96 -10.87 -12.38
CA ILE A 52 13.16 -11.60 -11.97
C ILE A 52 14.40 -10.71 -12.14
N GLU A 53 14.46 -9.99 -13.25
CA GLU A 53 15.59 -9.11 -13.52
C GLU A 53 15.70 -8.00 -12.48
N GLU A 54 14.57 -7.56 -11.93
CA GLU A 54 14.54 -6.39 -11.06
C GLU A 54 14.29 -6.69 -9.58
N ALA A 55 14.04 -7.96 -9.24
CA ALA A 55 13.58 -8.32 -7.89
C ALA A 55 14.53 -8.02 -6.73
N LYS A 56 15.84 -8.08 -6.98
CA LYS A 56 16.81 -7.85 -5.92
C LYS A 56 16.65 -6.49 -5.24
N VAL A 57 16.32 -5.48 -6.04
CA VAL A 57 16.13 -4.12 -5.52
C VAL A 57 15.05 -4.12 -4.43
N MET A 58 13.99 -4.88 -4.65
CA MET A 58 12.87 -4.98 -3.74
CA MET A 58 12.90 -4.93 -3.70
C MET A 58 13.26 -5.70 -2.44
N MET A 59 14.04 -6.76 -2.57
CA MET A 59 14.45 -7.53 -1.39
C MET A 59 15.41 -6.75 -0.49
N ASN A 60 16.19 -5.85 -1.08
CA ASN A 60 17.14 -5.05 -0.32
CA ASN A 60 17.14 -5.10 -0.26
C ASN A 60 16.47 -3.97 0.52
N LEU A 61 15.17 -3.78 0.32
CA LEU A 61 14.44 -2.82 1.11
C LEU A 61 14.11 -3.45 2.46
N SER A 62 14.62 -2.85 3.53
CA SER A 62 14.46 -3.41 4.87
C SER A 62 14.09 -2.34 5.88
N HIS A 63 12.91 -2.46 6.47
CA HIS A 63 12.46 -1.51 7.48
C HIS A 63 11.36 -2.16 8.30
N GLU A 64 11.32 -1.86 9.60
CA GLU A 64 10.33 -2.45 10.50
C GLU A 64 8.89 -2.21 10.03
N LYS A 65 8.64 -1.09 9.33
CA LYS A 65 7.27 -0.77 8.92
C LYS A 65 6.97 -1.15 7.47
N LEU A 66 7.91 -1.84 6.83
CA LEU A 66 7.67 -2.45 5.51
C LEU A 66 7.45 -3.94 5.69
N VAL A 67 6.44 -4.48 5.03
CA VAL A 67 6.27 -5.93 5.01
C VAL A 67 7.38 -6.49 4.14
N GLN A 68 8.28 -7.25 4.74
CA GLN A 68 9.46 -7.70 4.01
C GLN A 68 9.17 -8.64 2.85
N LEU A 69 9.86 -8.42 1.73
CA LEU A 69 9.91 -9.41 0.66
C LEU A 69 11.17 -10.23 0.95
N TYR A 70 11.02 -11.43 1.51
CA TYR A 70 12.16 -12.22 1.95
C TYR A 70 12.93 -12.80 0.77
N GLY A 71 12.20 -13.39 -0.16
CA GLY A 71 12.87 -14.05 -1.27
C GLY A 71 11.88 -14.58 -2.28
N VAL A 72 12.39 -15.31 -3.25
CA VAL A 72 11.59 -15.81 -4.35
C VAL A 72 11.96 -17.25 -4.67
N CYS A 73 11.04 -17.93 -5.36
CA CYS A 73 11.31 -19.25 -5.89
C CYS A 73 11.03 -19.18 -7.37
N THR A 74 12.08 -19.25 -8.19
CA THR A 74 11.91 -19.02 -9.63
C THR A 74 12.41 -20.16 -10.50
N LYS A 75 12.77 -21.29 -9.90
CA LYS A 75 13.34 -22.41 -10.66
C LYS A 75 12.27 -23.34 -11.22
N GLN A 76 11.01 -23.00 -10.98
CA GLN A 76 9.89 -23.70 -11.58
C GLN A 76 8.76 -22.71 -11.78
N ARG A 77 7.64 -23.17 -12.31
CA ARG A 77 6.44 -22.35 -12.42
C ARG A 77 5.30 -23.11 -11.76
N PRO A 78 4.43 -22.39 -11.03
CA PRO A 78 4.47 -20.93 -10.87
C PRO A 78 5.61 -20.46 -9.99
N ILE A 79 6.07 -19.23 -10.20
CA ILE A 79 7.03 -18.66 -9.28
C ILE A 79 6.36 -18.29 -7.96
N PHE A 80 7.14 -18.27 -6.88
CA PHE A 80 6.63 -17.87 -5.58
C PHE A 80 7.30 -16.59 -5.15
N ILE A 81 6.56 -15.75 -4.45
CA ILE A 81 7.14 -14.61 -3.73
C ILE A 81 6.87 -14.86 -2.25
N ILE A 82 7.92 -14.87 -1.43
CA ILE A 82 7.81 -15.18 -0.01
CA ILE A 82 7.79 -15.17 -0.01
C ILE A 82 7.96 -13.90 0.81
N THR A 83 6.96 -13.61 1.63
CA THR A 83 6.89 -12.34 2.35
C THR A 83 6.54 -12.52 3.81
N GLU A 84 6.72 -11.44 4.57
CA GLU A 84 6.43 -11.41 6.00
C GLU A 84 4.94 -11.60 6.26
N TYR A 85 4.61 -12.58 7.11
CA TYR A 85 3.21 -12.84 7.44
C TYR A 85 2.70 -11.86 8.47
N MET A 86 1.46 -11.42 8.27
CA MET A 86 0.81 -10.42 9.11
C MET A 86 -0.55 -10.97 9.52
N ALA A 87 -0.68 -11.33 10.80
CA ALA A 87 -1.80 -12.16 11.24
C ALA A 87 -3.17 -11.49 11.13
N ASN A 88 -3.20 -10.16 11.20
CA ASN A 88 -4.48 -9.46 11.16
C ASN A 88 -4.91 -9.00 9.77
N GLY A 89 -4.14 -9.36 8.75
CA GLY A 89 -4.57 -9.14 7.38
C GLY A 89 -4.52 -7.68 6.95
N CYS A 90 -5.25 -7.36 5.89
CA CYS A 90 -5.13 -6.03 5.34
C CYS A 90 -5.77 -4.96 6.22
N LEU A 91 -5.17 -3.79 6.19
CA LEU A 91 -5.61 -2.67 7.00
C LEU A 91 -7.06 -2.28 6.70
N LEU A 92 -7.45 -2.31 5.43
CA LEU A 92 -8.82 -1.92 5.08
C LEU A 92 -9.85 -2.75 5.86
N ASN A 93 -9.70 -4.07 5.82
CA ASN A 93 -10.65 -4.91 6.52
C ASN A 93 -10.52 -4.81 8.04
N TYR A 94 -9.30 -4.60 8.51
CA TYR A 94 -9.06 -4.43 9.94
C TYR A 94 -9.82 -3.22 10.47
N LEU A 95 -9.73 -2.11 9.73
CA LEU A 95 -10.44 -0.89 10.12
C LEU A 95 -11.94 -1.14 10.18
N ARG A 96 -12.48 -1.82 9.18
CA ARG A 96 -13.91 -2.06 9.08
CA ARG A 96 -13.91 -2.04 9.09
C ARG A 96 -14.42 -3.04 10.14
N GLU A 97 -13.60 -4.03 10.48
CA GLU A 97 -14.02 -5.05 11.43
C GLU A 97 -13.92 -4.63 12.89
N MET A 98 -13.13 -3.59 13.18
CA MET A 98 -12.91 -3.16 14.55
C MET A 98 -13.34 -1.72 14.74
N ARG A 99 -14.23 -1.23 13.88
CA ARG A 99 -14.46 0.22 13.85
C ARG A 99 -15.04 0.82 15.14
N HIS A 100 -15.58 -0.03 16.02
CA HIS A 100 -16.13 0.44 17.28
C HIS A 100 -15.16 0.28 18.44
N ARG A 101 -13.89 0.06 18.13
CA ARG A 101 -12.89 -0.20 19.16
C ARG A 101 -11.67 0.72 19.11
N PHE A 102 -11.58 1.56 18.09
CA PHE A 102 -10.40 2.41 17.94
C PHE A 102 -10.51 3.73 18.71
N GLN A 103 -9.42 4.11 19.35
CA GLN A 103 -9.26 5.45 19.88
C GLN A 103 -8.52 6.27 18.82
N THR A 104 -8.73 7.58 18.80
CA THR A 104 -8.07 8.41 17.80
C THR A 104 -6.54 8.35 17.87
N GLN A 105 -5.99 8.14 19.07
CA GLN A 105 -4.56 7.99 19.22
C GLN A 105 -4.04 6.80 18.40
N GLN A 106 -4.83 5.73 18.36
CA GLN A 106 -4.44 4.54 17.60
C GLN A 106 -4.45 4.83 16.09
N LEU A 107 -5.41 5.62 15.64
CA LEU A 107 -5.49 5.98 14.22
C LEU A 107 -4.25 6.79 13.80
N LEU A 108 -3.83 7.72 14.64
CA LEU A 108 -2.64 8.52 14.34
C LEU A 108 -1.39 7.65 14.30
N GLU A 109 -1.32 6.67 15.19
CA GLU A 109 -0.20 5.74 15.21
C GLU A 109 -0.13 4.89 13.93
N MET A 110 -1.29 4.52 13.39
CA MET A 110 -1.31 3.82 12.10
C MET A 110 -0.73 4.69 11.00
N CYS A 111 -1.09 5.97 11.01
CA CYS A 111 -0.56 6.90 10.02
C CYS A 111 0.95 7.05 10.16
N LYS A 112 1.43 7.12 11.41
CA LYS A 112 2.84 7.18 11.68
C LYS A 112 3.59 5.96 11.15
N ASP A 113 3.06 4.77 11.40
CA ASP A 113 3.66 3.53 10.92
C ASP A 113 3.87 3.59 9.40
N VAL A 114 2.80 3.97 8.70
CA VAL A 114 2.84 4.00 7.24
C VAL A 114 3.80 5.08 6.76
N CYS A 115 3.76 6.24 7.42
CA CYS A 115 4.62 7.33 7.02
C CYS A 115 6.10 6.98 7.21
N GLU A 116 6.42 6.25 8.26
CA GLU A 116 7.80 5.82 8.46
C GLU A 116 8.29 4.91 7.32
N ALA A 117 7.45 3.97 6.92
CA ALA A 117 7.77 3.08 5.82
C ALA A 117 7.99 3.87 4.54
N MET A 118 7.10 4.83 4.30
CA MET A 118 7.15 5.60 3.06
C MET A 118 8.34 6.56 3.04
N GLU A 119 8.71 7.11 4.20
CA GLU A 119 9.91 7.92 4.30
CA GLU A 119 9.91 7.92 4.29
C GLU A 119 11.13 7.07 3.92
N TYR A 120 11.14 5.83 4.37
CA TYR A 120 12.24 4.94 4.03
C TYR A 120 12.27 4.70 2.51
N LEU A 121 11.13 4.35 1.91
CA LEU A 121 11.09 4.12 0.47
C LEU A 121 11.53 5.37 -0.30
N GLU A 122 11.05 6.54 0.14
CA GLU A 122 11.46 7.80 -0.47
C GLU A 122 12.97 7.96 -0.45
N SER A 123 13.59 7.60 0.68
CA SER A 123 15.04 7.75 0.84
C SER A 123 15.82 6.81 -0.07
N LYS A 124 15.15 5.77 -0.54
CA LYS A 124 15.75 4.80 -1.46
C LYS A 124 15.30 5.06 -2.91
N GLN A 125 14.61 6.18 -3.12
CA GLN A 125 14.07 6.53 -4.44
C GLN A 125 13.25 5.40 -5.06
N PHE A 126 12.45 4.76 -4.21
CA PHE A 126 11.66 3.62 -4.62
C PHE A 126 10.18 3.97 -4.51
N LEU A 127 9.46 3.77 -5.60
CA LEU A 127 8.04 4.12 -5.65
C LEU A 127 7.15 2.93 -5.29
N HIS A 128 6.14 3.18 -4.45
CA HIS A 128 5.17 2.13 -4.18
C HIS A 128 4.26 1.88 -5.39
N ARG A 129 3.62 2.97 -5.83
CA ARG A 129 2.73 3.02 -7.00
CA ARG A 129 2.75 2.97 -7.02
C ARG A 129 1.30 2.54 -6.76
N ASP A 130 1.04 1.87 -5.64
CA ASP A 130 -0.33 1.47 -5.34
C ASP A 130 -0.55 1.48 -3.82
N LEU A 131 -0.19 2.58 -3.19
CA LEU A 131 -0.40 2.74 -1.76
C LEU A 131 -1.88 3.00 -1.46
N ALA A 132 -2.43 2.24 -0.52
CA ALA A 132 -3.84 2.30 -0.14
C ALA A 132 -4.00 1.39 1.06
N ALA A 133 -5.09 1.52 1.80
CA ALA A 133 -5.28 0.69 2.99
C ALA A 133 -5.34 -0.80 2.63
N ARG A 134 -5.84 -1.12 1.44
CA ARG A 134 -5.90 -2.52 1.00
C ARG A 134 -4.49 -3.10 0.83
N ASN A 135 -3.49 -2.24 0.65
CA ASN A 135 -2.10 -2.68 0.48
C ASN A 135 -1.22 -2.32 1.66
N CYS A 136 -1.83 -2.28 2.83
CA CYS A 136 -1.12 -2.30 4.10
C CYS A 136 -1.63 -3.50 4.87
N LEU A 137 -0.77 -4.05 5.72
CA LEU A 137 -1.13 -5.22 6.50
C LEU A 137 -0.93 -4.93 7.98
N VAL A 138 -1.59 -5.70 8.83
CA VAL A 138 -1.56 -5.46 10.27
C VAL A 138 -1.11 -6.74 10.96
N ASN A 139 -0.15 -6.62 11.87
CA ASN A 139 0.31 -7.82 12.58
C ASN A 139 -0.47 -8.07 13.87
N ASP A 140 -0.09 -9.12 14.59
CA ASP A 140 -0.82 -9.57 15.77
C ASP A 140 -0.76 -8.57 16.91
N GLN A 141 0.16 -7.61 16.83
CA GLN A 141 0.25 -6.56 17.85
C GLN A 141 -0.29 -5.22 17.36
N GLY A 142 -0.96 -5.23 16.21
CA GLY A 142 -1.62 -4.02 15.73
C GLY A 142 -0.71 -3.04 15.01
N VAL A 143 0.52 -3.44 14.73
CA VAL A 143 1.44 -2.60 13.96
C VAL A 143 1.05 -2.69 12.50
N VAL A 144 0.95 -1.52 11.85
CA VAL A 144 0.63 -1.44 10.43
C VAL A 144 1.93 -1.37 9.63
N LYS A 145 1.97 -2.13 8.54
CA LYS A 145 3.13 -2.11 7.66
C LYS A 145 2.69 -2.02 6.20
N VAL A 146 3.53 -1.42 5.37
CA VAL A 146 3.23 -1.21 3.96
C VAL A 146 3.62 -2.44 3.15
N SER A 147 2.71 -2.92 2.31
CA SER A 147 2.88 -4.17 1.56
CA SER A 147 2.96 -4.15 1.55
C SER A 147 2.86 -3.96 0.04
N ASP A 148 3.49 -4.87 -0.69
CA ASP A 148 3.38 -4.94 -2.15
C ASP A 148 3.95 -3.71 -2.87
N PHE A 149 4.86 -3.01 -2.22
CA PHE A 149 5.52 -1.84 -2.83
C PHE A 149 6.23 -2.24 -4.12
N GLY A 150 5.96 -1.48 -5.18
CA GLY A 150 6.64 -1.67 -6.45
C GLY A 150 6.05 -2.77 -7.34
N LEU A 151 5.19 -3.62 -6.78
CA LEU A 151 4.68 -4.74 -7.57
C LEU A 151 3.73 -4.35 -8.71
N SER A 152 3.10 -3.17 -8.58
CA SER A 152 2.22 -2.65 -9.61
C SER A 152 2.84 -2.68 -11.01
N ARG A 153 4.14 -2.43 -11.06
CA ARG A 153 4.88 -2.38 -12.32
C ARG A 153 4.82 -3.68 -13.12
N TYR A 154 4.67 -4.80 -12.44
CA TYR A 154 4.79 -6.12 -13.07
C TYR A 154 3.46 -6.78 -13.40
N VAL A 155 2.36 -6.06 -13.16
CA VAL A 155 1.02 -6.59 -13.39
C VAL A 155 0.68 -6.59 -14.87
N LEU A 156 0.21 -7.74 -15.36
CA LEU A 156 -0.32 -7.84 -16.72
C LEU A 156 -1.83 -7.99 -16.60
N ASP A 157 -2.52 -6.88 -16.77
CA ASP A 157 -3.98 -6.83 -16.71
C ASP A 157 -4.35 -5.43 -17.15
N ASP A 158 -4.87 -5.32 -18.37
CA ASP A 158 -5.15 -4.00 -18.93
C ASP A 158 -6.18 -3.22 -18.13
N GLU A 159 -7.07 -3.92 -17.43
CA GLU A 159 -8.07 -3.22 -16.61
C GLU A 159 -7.42 -2.53 -15.41
N TYR A 160 -6.24 -3.00 -15.03
CA TYR A 160 -5.50 -2.43 -13.91
C TYR A 160 -4.45 -1.40 -14.34
N THR A 161 -3.79 -1.64 -15.48
CA THR A 161 -2.70 -0.77 -15.89
C THR A 161 -3.15 0.46 -16.70
N SER A 162 -4.34 0.39 -17.29
CA SER A 162 -4.91 1.53 -18.02
C SER A 162 -5.62 2.47 -17.04
N SER A 163 -5.34 3.77 -17.14
CA SER A 163 -5.97 4.73 -16.24
C SER A 163 -7.50 4.81 -16.41
N VAL A 164 -8.02 4.28 -17.51
CA VAL A 164 -9.47 4.20 -17.68
C VAL A 164 -10.00 2.79 -17.47
N GLY A 165 -9.14 1.89 -16.99
CA GLY A 165 -9.55 0.53 -16.66
C GLY A 165 -10.31 0.49 -15.35
N SER A 166 -11.17 -0.50 -15.19
CA SER A 166 -12.04 -0.56 -14.02
C SER A 166 -11.33 -0.97 -12.75
N LYS A 167 -10.06 -1.40 -12.87
CA LYS A 167 -9.29 -1.78 -11.70
C LYS A 167 -8.19 -0.78 -11.34
N PHE A 168 -7.98 0.23 -12.19
CA PHE A 168 -6.93 1.23 -11.90
C PHE A 168 -7.27 1.96 -10.61
N PRO A 169 -6.27 2.24 -9.77
CA PRO A 169 -6.54 2.90 -8.48
C PRO A 169 -6.75 4.40 -8.63
N VAL A 170 -7.75 4.78 -9.40
CA VAL A 170 -8.08 6.17 -9.64
C VAL A 170 -8.25 6.99 -8.36
N ARG A 171 -8.91 6.40 -7.37
CA ARG A 171 -9.26 7.15 -6.16
C ARG A 171 -8.06 7.49 -5.29
N TRP A 172 -6.90 6.89 -5.59
CA TRP A 172 -5.65 7.14 -4.86
C TRP A 172 -4.64 7.88 -5.72
N SER A 173 -5.08 8.37 -6.90
CA SER A 173 -4.14 8.92 -7.90
C SER A 173 -4.23 10.44 -8.06
N PRO A 174 -3.07 11.11 -8.12
CA PRO A 174 -3.07 12.55 -8.38
C PRO A 174 -3.33 12.86 -9.84
N PRO A 175 -3.64 14.12 -10.15
CA PRO A 175 -3.93 14.52 -11.53
C PRO A 175 -2.84 14.14 -12.52
N GLU A 176 -1.57 14.27 -12.15
CA GLU A 176 -0.50 14.01 -13.12
C GLU A 176 -0.35 12.52 -13.46
N VAL A 177 -0.83 11.64 -12.59
CA VAL A 177 -0.89 10.22 -12.90
C VAL A 177 -2.06 9.95 -13.85
N LEU A 178 -3.22 10.49 -13.52
CA LEU A 178 -4.40 10.28 -14.35
C LEU A 178 -4.25 10.86 -15.75
N MET A 179 -3.54 11.98 -15.87
CA MET A 179 -3.38 12.68 -17.15
CA MET A 179 -3.39 12.63 -17.17
C MET A 179 -2.14 12.20 -17.94
N TYR A 180 -1.04 11.99 -17.24
CA TYR A 180 0.24 11.75 -17.91
C TYR A 180 0.97 10.47 -17.53
N SER A 181 0.43 9.71 -16.59
CA SER A 181 1.12 8.54 -16.06
C SER A 181 2.48 8.93 -15.48
N LYS A 182 2.51 10.09 -14.85
CA LYS A 182 3.74 10.59 -14.24
C LYS A 182 3.82 10.17 -12.79
N PHE A 183 4.48 9.05 -12.51
CA PHE A 183 4.64 8.58 -11.14
C PHE A 183 5.91 9.13 -10.53
N SER A 184 5.84 9.44 -9.24
CA SER A 184 6.99 9.96 -8.51
C SER A 184 6.70 9.76 -7.04
N SER A 185 7.64 10.12 -6.18
CA SER A 185 7.33 10.03 -4.76
C SER A 185 6.16 10.96 -4.44
N LYS A 186 5.96 12.00 -5.25
CA LYS A 186 4.84 12.90 -5.03
C LYS A 186 3.48 12.28 -5.36
N SER A 187 3.45 11.28 -6.24
CA SER A 187 2.20 10.57 -6.45
C SER A 187 1.94 9.60 -5.29
N ASP A 188 3.01 9.05 -4.71
CA ASP A 188 2.86 8.27 -3.48
C ASP A 188 2.36 9.16 -2.33
N ILE A 189 2.81 10.41 -2.28
CA ILE A 189 2.34 11.37 -1.27
C ILE A 189 0.82 11.56 -1.36
N TRP A 190 0.33 11.79 -2.57
CA TRP A 190 -1.10 11.94 -2.77
C TRP A 190 -1.84 10.71 -2.24
N ALA A 191 -1.39 9.52 -2.64
CA ALA A 191 -2.02 8.29 -2.19
C ALA A 191 -1.99 8.15 -0.67
N PHE A 192 -0.89 8.56 -0.05
CA PHE A 192 -0.79 8.53 1.40
C PHE A 192 -1.86 9.41 2.07
N GLY A 193 -2.12 10.59 1.50
CA GLY A 193 -3.20 11.43 2.03
C GLY A 193 -4.54 10.70 1.98
N VAL A 194 -4.82 10.04 0.86
CA VAL A 194 -6.06 9.26 0.75
C VAL A 194 -6.08 8.12 1.78
N LEU A 195 -4.94 7.48 1.98
CA LEU A 195 -4.81 6.44 3.00
CA LEU A 195 -4.82 6.44 2.99
C LEU A 195 -5.10 6.99 4.39
N MET A 196 -4.56 8.17 4.72
CA MET A 196 -4.91 8.81 5.99
C MET A 196 -6.42 9.00 6.11
N TRP A 197 -7.06 9.40 5.02
CA TRP A 197 -8.50 9.56 5.01
C TRP A 197 -9.22 8.22 5.24
N GLU A 198 -8.74 7.15 4.59
CA GLU A 198 -9.28 5.82 4.84
C GLU A 198 -9.18 5.41 6.30
N ILE A 199 -8.04 5.72 6.92
CA ILE A 199 -7.83 5.39 8.33
C ILE A 199 -8.82 6.16 9.21
N TYR A 200 -8.90 7.48 9.02
CA TYR A 200 -9.77 8.27 9.89
C TYR A 200 -11.26 8.10 9.64
N SER A 201 -11.62 7.61 8.46
CA SER A 201 -13.01 7.28 8.17
CA SER A 201 -13.00 7.28 8.15
C SER A 201 -13.34 5.83 8.53
N LEU A 202 -12.36 5.12 9.10
CA LEU A 202 -12.53 3.72 9.49
C LEU A 202 -12.87 2.82 8.30
N GLY A 203 -12.22 3.09 7.18
CA GLY A 203 -12.32 2.20 6.04
C GLY A 203 -13.43 2.47 5.04
N LYS A 204 -13.92 3.70 5.00
CA LYS A 204 -14.88 4.04 3.96
C LYS A 204 -14.20 4.10 2.59
N MET A 205 -14.97 3.88 1.54
CA MET A 205 -14.46 4.03 0.18
C MET A 205 -14.33 5.51 -0.19
N PRO A 206 -13.16 5.94 -0.67
CA PRO A 206 -13.03 7.35 -1.06
C PRO A 206 -13.90 7.68 -2.28
N TYR A 207 -14.59 8.81 -2.22
CA TYR A 207 -15.48 9.27 -3.30
C TYR A 207 -16.55 8.24 -3.62
N GLU A 208 -17.05 7.56 -2.58
CA GLU A 208 -18.13 6.59 -2.77
C GLU A 208 -19.30 7.26 -3.50
N ARG A 209 -19.93 6.48 -4.39
CA ARG A 209 -21.05 6.96 -5.22
CA ARG A 209 -21.05 6.96 -5.22
C ARG A 209 -20.60 7.68 -6.49
N PHE A 210 -19.35 8.12 -6.53
CA PHE A 210 -18.76 8.64 -7.78
C PHE A 210 -18.12 7.48 -8.53
N THR A 211 -18.27 7.43 -9.84
CA THR A 211 -17.50 6.48 -10.64
C THR A 211 -16.03 6.91 -10.70
N ASN A 212 -15.18 6.05 -11.24
CA ASN A 212 -13.78 6.40 -11.40
C ASN A 212 -13.61 7.64 -12.28
N SER A 213 -14.33 7.69 -13.40
CA SER A 213 -14.19 8.85 -14.28
C SER A 213 -14.74 10.14 -13.66
N GLU A 214 -15.82 10.03 -12.90
CA GLU A 214 -16.35 11.18 -12.19
C GLU A 214 -15.37 11.67 -11.14
N THR A 215 -14.71 10.72 -10.46
CA THR A 215 -13.69 11.08 -9.47
C THR A 215 -12.56 11.85 -10.16
N ALA A 216 -12.09 11.31 -11.27
CA ALA A 216 -10.99 11.96 -12.01
C ALA A 216 -11.37 13.35 -12.46
N GLU A 217 -12.58 13.47 -13.02
CA GLU A 217 -13.07 14.75 -13.52
C GLU A 217 -13.13 15.76 -12.40
N HIS A 218 -13.67 15.34 -11.26
CA HIS A 218 -13.93 16.27 -10.19
C HIS A 218 -12.69 16.62 -9.37
N ILE A 219 -11.79 15.67 -9.14
CA ILE A 219 -10.54 16.02 -8.46
C ILE A 219 -9.64 16.90 -9.34
N ALA A 220 -9.70 16.70 -10.66
CA ALA A 220 -8.95 17.57 -11.56
C ALA A 220 -9.44 19.00 -11.46
N GLN A 221 -10.74 19.16 -11.15
CA GLN A 221 -11.35 20.48 -11.00
C GLN A 221 -11.26 21.04 -9.57
N GLY A 222 -10.69 20.26 -8.65
CA GLY A 222 -10.45 20.75 -7.30
C GLY A 222 -11.20 20.09 -6.15
N LEU A 223 -12.09 19.16 -6.45
CA LEU A 223 -12.82 18.46 -5.39
C LEU A 223 -11.82 17.73 -4.50
N ARG A 224 -12.04 17.77 -3.19
CA ARG A 224 -11.20 17.02 -2.25
C ARG A 224 -12.06 16.26 -1.25
N LEU A 225 -11.51 15.17 -0.71
CA LEU A 225 -12.17 14.42 0.34
C LEU A 225 -12.44 15.29 1.57
N TYR A 226 -13.66 15.17 2.10
CA TYR A 226 -14.07 15.92 3.29
C TYR A 226 -13.33 15.43 4.55
N ARG A 227 -13.36 16.23 5.60
CA ARG A 227 -12.70 15.84 6.85
C ARG A 227 -13.52 14.79 7.58
N PRO A 228 -12.93 13.61 7.80
CA PRO A 228 -13.67 12.60 8.59
C PRO A 228 -13.93 13.08 10.02
N HIS A 229 -15.07 12.66 10.57
CA HIS A 229 -15.45 13.05 11.92
CA HIS A 229 -15.48 13.00 11.93
C HIS A 229 -14.36 12.85 12.94
N LEU A 230 -13.61 11.75 12.85
CA LEU A 230 -12.60 11.45 13.86
C LEU A 230 -11.28 12.20 13.69
N ALA A 231 -11.11 12.89 12.58
CA ALA A 231 -9.89 13.66 12.31
C ALA A 231 -9.99 15.08 12.87
N SER A 232 -9.04 15.44 13.72
CA SER A 232 -8.94 16.83 14.18
C SER A 232 -8.55 17.71 13.00
N GLU A 233 -8.68 19.01 13.17
CA GLU A 233 -8.27 19.91 12.10
C GLU A 233 -6.77 19.82 11.82
N LYS A 234 -5.97 19.62 12.87
CA LYS A 234 -4.53 19.43 12.69
C LYS A 234 -4.24 18.21 11.81
N VAL A 235 -4.95 17.12 12.09
CA VAL A 235 -4.77 15.89 11.31
C VAL A 235 -5.24 16.10 9.88
N TYR A 236 -6.38 16.76 9.71
CA TYR A 236 -6.90 17.02 8.37
C TYR A 236 -5.96 17.89 7.55
N THR A 237 -5.34 18.87 8.19
CA THR A 237 -4.39 19.72 7.51
C THR A 237 -3.23 18.89 6.93
N ILE A 238 -2.80 17.87 7.67
CA ILE A 238 -1.75 16.99 7.20
C ILE A 238 -2.18 16.20 5.95
N MET A 239 -3.33 15.53 6.02
CA MET A 239 -3.76 14.75 4.86
C MET A 239 -4.05 15.66 3.67
N TYR A 240 -4.64 16.83 3.94
CA TYR A 240 -4.98 17.77 2.87
C TYR A 240 -3.74 18.29 2.14
N SER A 241 -2.64 18.45 2.87
CA SER A 241 -1.40 18.91 2.25
C SER A 241 -0.87 17.96 1.18
N CYS A 242 -1.32 16.71 1.22
CA CYS A 242 -0.90 15.71 0.25
C CYS A 242 -1.57 15.88 -1.10
N TRP A 243 -2.60 16.73 -1.15
CA TRP A 243 -3.46 16.83 -2.32
C TRP A 243 -3.31 18.14 -3.10
N HIS A 244 -2.18 18.82 -2.94
CA HIS A 244 -1.91 19.97 -3.79
C HIS A 244 -1.97 19.56 -5.25
N GLU A 245 -2.65 20.34 -6.07
CA GLU A 245 -2.74 20.06 -7.50
C GLU A 245 -1.34 19.90 -8.10
N LYS A 246 -0.45 20.82 -7.76
CA LYS A 246 0.92 20.80 -8.27
C LYS A 246 1.79 19.90 -7.41
N ALA A 247 2.43 18.91 -8.02
CA ALA A 247 3.24 17.95 -7.31
C ALA A 247 4.34 18.58 -6.46
N ASP A 248 5.00 19.61 -7.00
CA ASP A 248 6.12 20.21 -6.26
C ASP A 248 5.68 21.00 -5.02
N GLU A 249 4.38 21.21 -4.86
CA GLU A 249 3.86 21.87 -3.67
C GLU A 249 3.52 20.86 -2.56
N ARG A 250 3.56 19.58 -2.88
CA ARG A 250 3.27 18.55 -1.88
C ARG A 250 4.48 18.34 -0.99
N PRO A 251 4.26 18.01 0.28
CA PRO A 251 5.38 17.73 1.18
C PRO A 251 6.10 16.44 0.80
N THR A 252 7.27 16.24 1.39
CA THR A 252 7.96 14.94 1.34
C THR A 252 7.45 14.09 2.51
N PHE A 253 7.77 12.81 2.49
CA PHE A 253 7.41 11.94 3.61
C PHE A 253 8.16 12.31 4.89
N LYS A 254 9.36 12.87 4.74
CA LYS A 254 10.10 13.34 5.90
C LYS A 254 9.34 14.47 6.59
N ILE A 255 8.84 15.42 5.82
CA ILE A 255 8.04 16.50 6.37
C ILE A 255 6.75 15.99 7.01
N LEU A 256 6.06 15.07 6.32
CA LEU A 256 4.84 14.51 6.86
C LEU A 256 5.07 13.78 8.19
N LEU A 257 6.16 13.05 8.28
CA LEU A 257 6.47 12.34 9.51
C LEU A 257 6.68 13.33 10.65
N SER A 258 7.40 14.41 10.37
CA SER A 258 7.61 15.46 11.35
C SER A 258 6.28 16.09 11.78
N ASN A 259 5.40 16.32 10.82
CA ASN A 259 4.08 16.85 11.13
C ASN A 259 3.28 15.91 12.05
N ILE A 260 3.31 14.61 11.74
CA ILE A 260 2.58 13.64 12.53
C ILE A 260 3.14 13.54 13.95
N LEU A 261 4.47 13.55 14.06
CA LEU A 261 5.12 13.49 15.36
C LEU A 261 4.80 14.73 16.19
N ASP A 262 4.72 15.88 15.54
CA ASP A 262 4.36 17.13 16.24
C ASP A 262 2.96 17.03 16.85
N VAL A 263 2.01 16.47 16.11
CA VAL A 263 0.66 16.29 16.61
C VAL A 263 0.64 15.33 17.78
N MET A 264 1.44 14.27 17.69
CA MET A 264 1.54 13.30 18.77
C MET A 264 2.11 13.91 20.04
N ASP A 265 3.16 14.70 19.90
CA ASP A 265 3.80 15.35 21.06
C ASP A 265 2.88 16.37 21.72
N GLU A 266 1.95 16.91 20.94
CA GLU A 266 1.01 17.91 21.45
C GLU A 266 -0.14 17.27 22.22
N ASN A 267 -0.49 16.05 21.84
CA ASN A 267 -1.61 15.34 22.47
C ASN A 267 -1.24 14.71 23.80
S SO4 B . 18.86 -24.31 -11.73
O1 SO4 B . 19.44 -23.36 -10.78
O2 SO4 B . 17.49 -24.64 -11.34
O3 SO4 B . 18.86 -23.73 -13.07
O4 SO4 B . 19.66 -25.53 -11.72
S SO4 C . -17.10 9.96 8.59
O1 SO4 C . -18.08 9.39 9.52
O2 SO4 C . -17.55 9.70 7.22
O3 SO4 C . -17.02 11.39 8.82
O4 SO4 C . -15.80 9.36 8.80
C1 GOL D . -18.52 2.67 -7.86
O1 GOL D . -18.23 3.62 -8.88
C2 GOL D . -18.72 3.29 -6.48
O2 GOL D . -18.51 4.68 -6.43
C3 GOL D . -20.11 2.93 -5.96
O3 GOL D . -20.36 3.67 -4.78
C1 GOL E . -1.09 0.80 -12.64
O1 GOL E . -0.07 0.72 -13.61
C2 GOL E . -0.56 1.41 -11.35
O2 GOL E . 0.83 1.67 -11.39
C3 GOL E . -1.38 2.65 -10.99
O3 GOL E . -0.86 3.26 -9.84
C5 PG0 F . 7.12 -13.74 16.25
O2 PG0 F . 7.04 -13.61 14.84
C4 PG0 F . 8.34 -13.66 14.23
C3 PG0 F . 8.20 -13.71 12.71
O1 PG0 F . 9.50 -13.78 12.16
C2 PG0 F . 9.50 -14.16 10.78
C1 PG0 F . 10.96 -14.28 10.33
OTT PG0 F . 11.01 -14.76 8.98
C1 3YO G . -0.98 -9.22 0.36
C2 3YO G . -2.06 -10.23 0.08
C3 3YO G . -2.38 -11.24 0.99
C4 3YO G . -3.39 -12.13 0.71
C5 3YO G . -4.09 -12.03 -0.48
C6 3YO G . -3.77 -11.04 -1.37
C7 3YO G . -2.76 -10.13 -1.10
N8 3YO G . -2.44 -9.10 -2.01
C9 3YO G . -1.79 -9.38 -3.15
O10 3YO G . -1.44 -10.52 -3.39
C11 3YO G . -1.40 -8.32 -4.08
C12 3YO G . -1.47 -6.99 -3.92
C13 3YO G . -0.97 -6.24 -5.00
C14 3YO G . -0.89 -4.83 -5.16
C15 3YO G . -0.38 -4.28 -6.30
C16 3YO G . 0.11 -5.09 -7.31
C17 3YO G . 0.06 -6.46 -7.19
C18 3YO G . -0.48 -7.03 -6.04
S19 3YO G . -0.66 -8.72 -5.62
F20 3YO G . -4.46 -10.94 -2.53
C21 3YO G . -1.66 -11.37 2.29
C22 3YO G . -2.39 -11.57 3.50
C23 3YO G . -1.70 -11.67 4.68
C24 3YO G . -0.29 -11.58 4.67
O25 3YO G . 0.36 -11.65 5.71
N26 3YO G . 0.35 -11.41 3.51
N28 3YO G . -0.36 -11.32 2.31
N29 3YO G . -2.27 -11.86 5.94
C30 3YO G . -3.56 -12.29 6.21
C31 3YO G . -4.01 -12.77 7.45
C32 3YO G . -5.31 -13.06 7.30
N33 3YO G . -5.66 -12.78 6.02
N34 3YO G . -4.55 -12.29 5.37
C35 3YO G . -6.99 -12.97 5.46
C36 3YO G . -7.69 -14.03 6.32
N37 3YO G . -7.64 -13.63 7.73
C38 3YO G . -6.28 -13.63 8.31
C39 3YO G . -8.54 -14.48 8.53
H27 3YO G . 1.32 -11.34 3.50
#